data_7KJR
#
_entry.id   7KJR
#
_cell.length_a   1.00
_cell.length_b   1.00
_cell.length_c   1.00
_cell.angle_alpha   90.00
_cell.angle_beta   90.00
_cell.angle_gamma   90.00
#
_symmetry.space_group_name_H-M   'P 1'
#
loop_
_entity.id
_entity.type
_entity.pdbx_description
1 polymer 'ORF3a protein'
2 polymer 'Apolipoprotein A-I'
3 non-polymer 1,2-dioleoyl-sn-glycero-3-phosphoethanolamine
4 water water
#
loop_
_entity_poly.entity_id
_entity_poly.type
_entity_poly.pdbx_seq_one_letter_code
_entity_poly.pdbx_strand_id
1 'polypeptide(L)'
;MDLFMRIFTIGTVTLKQGEIKDATPSDFVRATATIPIQASLPFGWLIVGVALLAVFQSASKIITLKKRWQLALSKGVHFV
CNLLLLFVTVYSHLLLVAAGLEAPFLYLYALVYFLQSINFVRIIMRLWLCWKCRSKNPLLYDANYFLCWHTNCYDYCIPY
NSVTSSIVITSGDGTTSPISEHDYQIGGYTEKWESGVKDCVVLHSYFTSDYYQLYSTQLSTDTGVEHVTFFIYNKIVDEP
EEHVQIHTIDGSSGVVNPVMEPIYDEPTTTTSVPLSNSLEVLFQ
;
A,B
2 'polypeptide(L)'
;HHHHHHHDYDIPTTENLYFQGSTFSKLREQLGPVTQEFWDNLEKETEGLRQEMSKDLEEVKAKVQPYLDDFQKKWQEEME
LYRQKVEPLRAELQEGARQKLHELQEKLSPLGEEMRDRARAHVDALRTHLAPYSDELRQRLAARLEALKENGGARLAEYH
AKATEHLSTLSEKAKPALEDLRQGLLPVLESFKVSFLSALEEYTKKLNTQ
;
C,D
#
loop_
_chem_comp.id
_chem_comp.type
_chem_comp.name
_chem_comp.formula
PEE non-polymer 1,2-dioleoyl-sn-glycero-3-phosphoethanolamine 'C41 H78 N O8 P'
#
# COMPACT_ATOMS: atom_id res chain seq x y z
N SER A 40 11.32 30.85 27.39
CA SER A 40 12.04 30.39 26.20
C SER A 40 11.74 28.93 25.91
N LEU A 41 11.88 28.56 24.63
CA LEU A 41 11.70 27.18 24.19
C LEU A 41 13.07 26.57 23.94
N PRO A 42 13.50 25.59 24.73
CA PRO A 42 14.83 25.01 24.54
C PRO A 42 14.95 24.23 23.24
N PHE A 43 16.16 24.24 22.70
CA PHE A 43 16.43 23.57 21.43
C PHE A 43 16.43 22.06 21.56
N GLY A 44 16.61 21.53 22.77
CA GLY A 44 16.78 20.10 22.94
C GLY A 44 15.52 19.30 22.69
N TRP A 45 14.35 19.91 22.88
CA TRP A 45 13.10 19.22 22.56
C TRP A 45 12.97 18.96 21.08
N LEU A 46 13.53 19.82 20.23
CA LEU A 46 13.55 19.54 18.80
C LEU A 46 14.37 18.29 18.50
N ILE A 47 15.51 18.13 19.18
CA ILE A 47 16.33 16.94 18.99
C ILE A 47 15.61 15.69 19.50
N VAL A 48 14.97 15.79 20.66
CA VAL A 48 14.22 14.64 21.20
C VAL A 48 13.08 14.25 20.25
N GLY A 49 12.36 15.25 19.73
CA GLY A 49 11.30 14.96 18.77
C GLY A 49 11.81 14.36 17.49
N VAL A 50 12.97 14.83 17.01
CA VAL A 50 13.56 14.28 15.79
C VAL A 50 13.97 12.83 16.02
N ALA A 51 14.55 12.53 17.18
CA ALA A 51 14.96 11.17 17.47
C ALA A 51 13.77 10.22 17.57
N LEU A 52 12.70 10.66 18.22
CA LEU A 52 11.50 9.83 18.30
C LEU A 52 10.83 9.65 16.94
N LEU A 53 10.78 10.73 16.15
CA LEU A 53 10.24 10.65 14.80
C LEU A 53 11.05 9.69 13.93
N ALA A 54 12.37 9.72 14.06
CA ALA A 54 13.22 8.80 13.32
C ALA A 54 12.97 7.36 13.73
N VAL A 55 12.83 7.12 15.03
CA VAL A 55 12.53 5.77 15.52
C VAL A 55 11.24 5.26 14.91
N PHE A 56 10.18 6.07 14.98
CA PHE A 56 8.87 5.59 14.55
C PHE A 56 8.78 5.49 13.04
N GLN A 57 9.38 6.42 12.29
CA GLN A 57 9.40 6.33 10.83
C GLN A 57 10.17 5.11 10.36
N SER A 58 11.34 4.86 10.96
CA SER A 58 12.14 3.70 10.60
C SER A 58 11.42 2.40 10.93
N ALA A 59 10.68 2.38 12.05
CA ALA A 59 9.89 1.19 12.38
C ALA A 59 8.73 1.02 11.40
N SER A 60 8.10 2.12 10.97
CA SER A 60 6.99 2.03 10.04
C SER A 60 7.44 1.53 8.67
N LYS A 61 8.70 1.79 8.30
CA LYS A 61 9.19 1.30 7.02
C LYS A 61 9.30 -0.22 6.94
N ILE A 62 9.31 -0.94 8.06
CA ILE A 62 9.68 -2.36 8.02
C ILE A 62 8.65 -3.27 8.69
N ILE A 63 7.39 -2.86 8.75
CA ILE A 63 6.33 -3.70 9.28
C ILE A 63 5.63 -4.40 8.10
N THR A 64 5.71 -5.73 8.08
CA THR A 64 5.04 -6.50 7.04
C THR A 64 3.53 -6.37 7.16
N LEU A 65 2.85 -6.19 6.03
CA LEU A 65 1.40 -6.03 6.00
C LEU A 65 0.73 -7.31 5.52
N LYS A 66 0.71 -8.31 6.39
CA LYS A 66 0.07 -9.58 6.06
C LYS A 66 -1.15 -9.87 6.92
N LYS A 67 -1.00 -9.91 8.24
CA LYS A 67 -2.10 -10.17 9.14
C LYS A 67 -2.75 -8.85 9.59
N ARG A 68 -3.98 -8.97 10.08
CA ARG A 68 -4.78 -7.79 10.40
C ARG A 68 -4.17 -7.00 11.55
N TRP A 69 -3.59 -7.69 12.53
CA TRP A 69 -2.96 -7.00 13.64
C TRP A 69 -1.72 -6.23 13.19
N GLN A 70 -1.00 -6.76 12.20
CA GLN A 70 0.11 -6.00 11.63
C GLN A 70 -0.37 -4.76 10.89
N LEU A 71 -1.51 -4.85 10.22
CA LEU A 71 -2.08 -3.68 9.55
C LEU A 71 -2.49 -2.62 10.57
N ALA A 72 -3.12 -3.04 11.66
CA ALA A 72 -3.49 -2.09 12.71
C ALA A 72 -2.26 -1.46 13.36
N LEU A 73 -1.22 -2.28 13.59
CA LEU A 73 0.02 -1.76 14.15
C LEU A 73 0.67 -0.76 13.23
N SER A 74 0.71 -1.04 11.92
CA SER A 74 1.30 -0.13 10.97
C SER A 74 0.52 1.18 10.89
N LYS A 75 -0.82 1.11 10.92
CA LYS A 75 -1.61 2.33 10.92
C LYS A 75 -1.40 3.16 12.18
N GLY A 76 -1.32 2.51 13.34
CA GLY A 76 -1.06 3.25 14.57
C GLY A 76 0.31 3.88 14.58
N VAL A 77 1.32 3.18 14.07
CA VAL A 77 2.66 3.73 14.01
C VAL A 77 2.72 4.91 13.04
N HIS A 78 1.99 4.81 11.92
CA HIS A 78 1.92 5.93 10.99
C HIS A 78 1.22 7.14 11.61
N PHE A 79 0.18 6.90 12.41
CA PHE A 79 -0.48 7.99 13.11
C PHE A 79 0.46 8.68 14.10
N VAL A 80 1.23 7.88 14.85
CA VAL A 80 2.20 8.45 15.78
C VAL A 80 3.29 9.20 15.02
N CYS A 81 3.70 8.68 13.85
CA CYS A 81 4.68 9.36 13.01
C CYS A 81 4.18 10.73 12.57
N ASN A 82 2.91 10.80 12.14
CA ASN A 82 2.37 12.06 11.69
C ASN A 82 2.24 13.05 12.84
N LEU A 83 1.86 12.57 14.03
CA LEU A 83 1.81 13.46 15.20
C LEU A 83 3.19 13.99 15.55
N LEU A 84 4.22 13.15 15.50
CA LEU A 84 5.58 13.59 15.77
C LEU A 84 6.07 14.57 14.72
N LEU A 85 5.71 14.34 13.45
CA LEU A 85 6.09 15.26 12.39
C LEU A 85 5.44 16.63 12.58
N LEU A 86 4.16 16.65 12.96
CA LEU A 86 3.51 17.90 13.29
C LEU A 86 4.20 18.59 14.46
N PHE A 87 4.60 17.82 15.47
CA PHE A 87 5.30 18.40 16.61
C PHE A 87 6.61 19.05 16.19
N VAL A 88 7.44 18.33 15.42
CA VAL A 88 8.75 18.89 15.09
C VAL A 88 8.61 20.07 14.15
N THR A 89 7.63 20.04 13.24
CA THR A 89 7.40 21.19 12.36
C THR A 89 6.97 22.42 13.15
N VAL A 90 5.96 22.28 14.00
CA VAL A 90 5.45 23.42 14.76
C VAL A 90 6.51 23.92 15.73
N TYR A 91 7.23 23.01 16.37
CA TYR A 91 8.24 23.40 17.35
C TYR A 91 9.43 24.09 16.70
N SER A 92 9.87 23.61 15.53
CA SER A 92 10.95 24.30 14.83
C SER A 92 10.50 25.66 14.30
N HIS A 93 9.23 25.76 13.90
CA HIS A 93 8.69 27.05 13.50
C HIS A 93 8.64 28.02 14.68
N LEU A 94 8.32 27.51 15.87
CA LEU A 94 8.34 28.34 17.07
C LEU A 94 9.76 28.75 17.45
N LEU A 95 10.72 27.85 17.26
CA LEU A 95 12.12 28.20 17.48
C LEU A 95 12.57 29.30 16.53
N LEU A 96 12.16 29.21 15.26
CA LEU A 96 12.48 30.26 14.29
C LEU A 96 11.83 31.59 14.67
N VAL A 97 10.57 31.55 15.12
CA VAL A 97 9.87 32.79 15.46
C VAL A 97 10.48 33.44 16.69
N ALA A 98 10.80 32.64 17.71
CA ALA A 98 11.49 33.15 18.89
C ALA A 98 12.88 33.67 18.55
N ALA A 99 13.53 33.07 17.55
CA ALA A 99 14.82 33.59 17.11
C ALA A 99 14.67 34.86 16.29
N GLY A 100 13.59 34.95 15.50
CA GLY A 100 13.39 36.06 14.60
C GLY A 100 13.73 35.80 13.16
N LEU A 101 14.07 34.56 12.79
CA LEU A 101 14.49 34.22 11.45
C LEU A 101 13.45 33.39 10.70
N GLU A 102 12.17 33.55 11.05
CA GLU A 102 11.13 32.76 10.43
C GLU A 102 10.83 33.19 8.99
N ALA A 103 11.05 34.46 8.65
CA ALA A 103 10.57 35.01 7.38
C ALA A 103 11.07 34.30 6.13
N PRO A 104 12.33 33.87 6.02
CA PRO A 104 12.70 33.04 4.84
C PRO A 104 12.15 31.62 4.87
N PHE A 105 11.29 31.27 5.84
CA PHE A 105 10.71 29.94 5.91
C PHE A 105 9.19 29.96 5.97
N LEU A 106 8.56 31.13 5.81
CA LEU A 106 7.10 31.21 5.85
C LEU A 106 6.46 30.39 4.75
N TYR A 107 7.01 30.44 3.53
CA TYR A 107 6.44 29.67 2.43
C TYR A 107 6.54 28.17 2.69
N LEU A 108 7.67 27.72 3.23
CA LEU A 108 7.85 26.30 3.51
C LEU A 108 6.91 25.82 4.60
N TYR A 109 6.76 26.61 5.67
CA TYR A 109 5.90 26.18 6.78
C TYR A 109 4.44 26.27 6.40
N ALA A 110 4.05 27.29 5.63
CA ALA A 110 2.70 27.38 5.10
C ALA A 110 2.40 26.20 4.18
N LEU A 111 3.38 25.78 3.38
CA LEU A 111 3.22 24.60 2.54
C LEU A 111 3.00 23.34 3.37
N VAL A 112 3.77 23.19 4.45
CA VAL A 112 3.59 22.03 5.34
C VAL A 112 2.20 22.03 5.93
N TYR A 113 1.74 23.19 6.41
CA TYR A 113 0.44 23.26 7.07
C TYR A 113 -0.68 23.02 6.07
N PHE A 114 -0.52 23.47 4.84
CA PHE A 114 -1.52 23.23 3.79
C PHE A 114 -1.59 21.74 3.44
N LEU A 115 -0.44 21.09 3.28
CA LEU A 115 -0.45 19.67 2.97
C LEU A 115 -0.99 18.85 4.13
N GLN A 116 -0.72 19.28 5.37
CA GLN A 116 -1.25 18.57 6.53
C GLN A 116 -2.76 18.77 6.66
N SER A 117 -3.27 19.94 6.28
CA SER A 117 -4.71 20.14 6.22
C SER A 117 -5.34 19.21 5.20
N ILE A 118 -4.69 19.05 4.04
CA ILE A 118 -5.18 18.10 3.04
C ILE A 118 -5.19 16.68 3.59
N ASN A 119 -4.14 16.32 4.34
CA ASN A 119 -4.07 14.98 4.92
C ASN A 119 -5.15 14.77 5.98
N PHE A 120 -5.46 15.82 6.74
CA PHE A 120 -6.57 15.76 7.70
C PHE A 120 -7.89 15.51 7.00
N VAL A 121 -8.13 16.23 5.89
CA VAL A 121 -9.34 16.01 5.10
C VAL A 121 -9.37 14.58 4.56
N ARG A 122 -8.22 14.07 4.14
CA ARG A 122 -8.15 12.70 3.63
C ARG A 122 -8.48 11.68 4.72
N ILE A 123 -8.02 11.92 5.95
CA ILE A 123 -8.33 11.02 7.06
C ILE A 123 -9.82 11.06 7.38
N ILE A 124 -10.43 12.25 7.29
CA ILE A 124 -11.87 12.36 7.49
C ILE A 124 -12.62 11.57 6.41
N MET A 125 -12.17 11.67 5.16
CA MET A 125 -12.81 10.91 4.09
C MET A 125 -12.61 9.41 4.27
N ARG A 126 -11.47 9.00 4.81
CA ARG A 126 -11.24 7.59 5.10
C ARG A 126 -12.20 7.10 6.19
N LEU A 127 -12.43 7.92 7.22
CA LEU A 127 -13.39 7.54 8.26
C LEU A 127 -14.80 7.47 7.70
N TRP A 128 -15.14 8.37 6.78
CA TRP A 128 -16.46 8.34 6.17
C TRP A 128 -16.61 7.12 5.26
N LEU A 129 -15.52 6.71 4.62
CA LEU A 129 -15.53 5.47 3.83
C LEU A 129 -15.72 4.26 4.74
N CYS A 130 -15.12 4.30 5.93
CA CYS A 130 -15.37 3.25 6.91
C CYS A 130 -16.84 3.21 7.32
N TRP A 131 -17.44 4.39 7.53
CA TRP A 131 -18.87 4.44 7.86
C TRP A 131 -19.73 3.91 6.71
N LYS A 132 -19.41 4.28 5.47
CA LYS A 132 -20.21 3.83 4.34
C LYS A 132 -20.05 2.34 4.09
N CYS A 133 -18.83 1.81 4.20
CA CYS A 133 -18.58 0.40 4.03
C CYS A 133 -19.00 -0.44 5.22
N ARG A 134 -19.39 0.21 6.33
CA ARG A 134 -19.76 -0.46 7.58
C ARG A 134 -18.65 -1.40 8.05
N SER A 135 -17.41 -0.95 7.91
CA SER A 135 -16.25 -1.78 8.16
C SER A 135 -15.09 -0.90 8.56
N LYS A 136 -14.11 -1.51 9.25
CA LYS A 136 -12.87 -0.82 9.57
C LYS A 136 -11.79 -1.02 8.52
N ASN A 137 -12.06 -1.83 7.49
CA ASN A 137 -11.07 -2.12 6.47
C ASN A 137 -10.53 -0.90 5.72
N PRO A 138 -11.31 0.14 5.39
CA PRO A 138 -10.68 1.32 4.77
C PRO A 138 -9.63 2.00 5.64
N LEU A 139 -9.70 1.87 6.97
CA LEU A 139 -8.60 2.35 7.80
C LEU A 139 -7.39 1.43 7.70
N LEU A 140 -7.63 0.12 7.66
CA LEU A 140 -6.52 -0.83 7.66
C LEU A 140 -5.80 -0.93 6.33
N TYR A 141 -6.51 -0.71 5.22
CA TYR A 141 -5.96 -0.91 3.89
C TYR A 141 -5.87 0.42 3.15
N ASP A 142 -4.86 0.53 2.29
CA ASP A 142 -4.62 1.72 1.50
C ASP A 142 -5.22 1.64 0.10
N ALA A 143 -6.13 0.70 -0.13
CA ALA A 143 -6.66 0.47 -1.47
C ALA A 143 -7.50 1.64 -1.95
N ASN A 144 -7.55 1.80 -3.28
CA ASN A 144 -8.34 2.87 -3.86
C ASN A 144 -9.83 2.59 -3.78
N TYR A 145 -10.21 1.31 -3.77
CA TYR A 145 -11.61 0.92 -3.81
C TYR A 145 -11.84 -0.22 -2.83
N PHE A 146 -13.11 -0.40 -2.47
CA PHE A 146 -13.50 -1.50 -1.60
C PHE A 146 -14.78 -2.13 -2.14
N LEU A 147 -14.71 -3.43 -2.42
CA LEU A 147 -15.88 -4.17 -2.84
C LEU A 147 -16.65 -4.63 -1.61
N CYS A 148 -17.93 -4.26 -1.54
CA CYS A 148 -18.71 -4.42 -0.33
C CYS A 148 -20.04 -5.05 -0.66
N TRP A 149 -20.54 -5.83 0.30
CA TRP A 149 -21.94 -6.23 0.25
C TRP A 149 -22.42 -6.53 1.66
N HIS A 150 -23.72 -6.45 1.84
CA HIS A 150 -24.33 -6.51 3.15
C HIS A 150 -25.10 -7.81 3.32
N THR A 151 -24.84 -8.52 4.41
CA THR A 151 -25.68 -9.59 4.88
C THR A 151 -26.14 -9.27 6.29
N ASN A 152 -27.10 -10.05 6.78
CA ASN A 152 -27.66 -9.79 8.11
C ASN A 152 -26.62 -9.90 9.22
N CYS A 153 -25.67 -10.82 9.09
CA CYS A 153 -24.70 -11.04 10.15
C CYS A 153 -23.35 -10.42 9.87
N TYR A 154 -23.08 -9.96 8.65
CA TYR A 154 -21.77 -9.43 8.35
C TYR A 154 -21.85 -8.43 7.20
N ASP A 155 -20.94 -7.47 7.20
CA ASP A 155 -20.77 -6.53 6.11
C ASP A 155 -19.39 -6.75 5.51
N TYR A 156 -19.33 -7.21 4.26
CA TYR A 156 -18.07 -7.54 3.63
C TYR A 156 -17.50 -6.32 2.92
N CYS A 157 -16.19 -6.15 3.06
CA CYS A 157 -15.47 -5.00 2.52
C CYS A 157 -14.05 -5.48 2.18
N ILE A 158 -13.80 -5.69 0.90
CA ILE A 158 -12.55 -6.28 0.42
C ILE A 158 -11.80 -5.23 -0.38
N PRO A 159 -10.51 -5.03 -0.15
CA PRO A 159 -9.74 -4.06 -0.94
C PRO A 159 -9.71 -4.43 -2.42
N TYR A 160 -9.72 -3.40 -3.27
CA TYR A 160 -9.72 -3.56 -4.71
C TYR A 160 -9.08 -2.33 -5.34
N ASN A 161 -8.43 -2.52 -6.49
CA ASN A 161 -7.54 -1.49 -7.00
C ASN A 161 -8.21 -0.50 -7.94
N SER A 162 -9.12 -0.94 -8.81
CA SER A 162 -9.68 -0.02 -9.81
C SER A 162 -11.07 -0.48 -10.21
N VAL A 163 -11.79 0.41 -10.88
CA VAL A 163 -13.12 0.08 -11.40
C VAL A 163 -12.94 -0.74 -12.66
N THR A 164 -13.21 -2.04 -12.57
CA THR A 164 -13.15 -2.94 -13.70
C THR A 164 -14.56 -3.24 -14.19
N SER A 165 -14.66 -3.78 -15.40
CA SER A 165 -15.97 -4.14 -15.94
C SER A 165 -16.51 -5.42 -15.35
N SER A 166 -15.66 -6.23 -14.72
CA SER A 166 -16.08 -7.45 -14.06
C SER A 166 -15.28 -7.60 -12.78
N ILE A 167 -15.83 -8.36 -11.85
CA ILE A 167 -15.17 -8.70 -10.60
C ILE A 167 -15.39 -10.18 -10.32
N VAL A 168 -14.33 -10.88 -9.95
CA VAL A 168 -14.43 -12.28 -9.59
C VAL A 168 -14.19 -12.41 -8.09
N ILE A 169 -15.16 -12.98 -7.39
CA ILE A 169 -15.01 -13.34 -5.99
C ILE A 169 -14.78 -14.83 -5.91
N THR A 170 -13.68 -15.24 -5.30
CA THR A 170 -13.35 -16.64 -5.11
C THR A 170 -13.81 -17.07 -3.72
N SER A 171 -14.51 -18.18 -3.65
CA SER A 171 -14.99 -18.69 -2.36
C SER A 171 -14.38 -20.06 -2.15
N GLY A 172 -13.63 -20.22 -1.06
CA GLY A 172 -13.09 -21.51 -0.68
C GLY A 172 -13.78 -22.01 0.58
N ASP A 173 -14.10 -23.31 0.59
CA ASP A 173 -14.77 -23.90 1.72
C ASP A 173 -13.74 -24.33 2.79
N GLY A 174 -14.21 -25.09 3.76
CA GLY A 174 -13.34 -25.61 4.81
C GLY A 174 -12.47 -26.77 4.33
N GLU A 181 -9.23 -21.44 5.71
CA GLU A 181 -10.62 -21.61 6.12
C GLU A 181 -11.58 -21.22 5.01
N HIS A 182 -12.87 -21.35 5.31
CA HIS A 182 -13.91 -20.88 4.39
C HIS A 182 -13.83 -19.37 4.27
N ASP A 183 -13.59 -18.87 3.07
CA ASP A 183 -13.33 -17.45 2.91
C ASP A 183 -13.70 -16.98 1.51
N TYR A 184 -13.90 -15.67 1.40
CA TYR A 184 -14.00 -14.95 0.14
C TYR A 184 -12.67 -14.26 -0.14
N GLN A 185 -12.31 -14.20 -1.41
CA GLN A 185 -10.99 -13.74 -1.80
C GLN A 185 -11.08 -13.01 -3.12
N ILE A 186 -10.51 -11.81 -3.17
CA ILE A 186 -10.27 -11.09 -4.42
C ILE A 186 -8.86 -10.53 -4.36
N GLY A 187 -8.07 -10.80 -5.40
CA GLY A 187 -6.71 -10.29 -5.48
C GLY A 187 -5.80 -10.75 -4.38
N GLY A 188 -6.08 -11.89 -3.77
CA GLY A 188 -5.35 -12.37 -2.62
C GLY A 188 -5.82 -11.80 -1.30
N TYR A 189 -6.76 -10.86 -1.31
CA TYR A 189 -7.36 -10.33 -0.08
C TYR A 189 -8.53 -11.21 0.32
N THR A 190 -8.62 -11.48 1.62
CA THR A 190 -9.48 -12.52 2.16
C THR A 190 -10.38 -11.95 3.26
N GLU A 191 -11.65 -12.34 3.22
CA GLU A 191 -12.58 -12.14 4.32
C GLU A 191 -13.16 -13.47 4.74
N LYS A 192 -13.26 -13.67 6.05
CA LYS A 192 -13.84 -14.89 6.60
C LYS A 192 -15.29 -15.03 6.16
N TRP A 193 -15.65 -16.24 5.72
CA TRP A 193 -17.04 -16.53 5.36
C TRP A 193 -17.94 -16.45 6.58
N GLU A 194 -19.03 -15.70 6.47
CA GLU A 194 -20.07 -15.67 7.48
C GLU A 194 -21.45 -15.93 6.92
N SER A 195 -21.63 -15.86 5.60
CA SER A 195 -22.92 -15.91 4.95
C SER A 195 -22.66 -15.99 3.44
N GLY A 196 -23.75 -16.11 2.68
CA GLY A 196 -23.64 -16.29 1.26
C GLY A 196 -23.36 -15.01 0.51
N VAL A 197 -23.20 -15.17 -0.81
CA VAL A 197 -23.01 -14.04 -1.71
C VAL A 197 -24.35 -13.36 -1.96
N LYS A 198 -24.28 -12.11 -2.38
CA LYS A 198 -25.45 -11.37 -2.85
C LYS A 198 -25.42 -11.26 -4.36
N ASP A 199 -26.61 -11.03 -4.93
CA ASP A 199 -26.72 -10.86 -6.37
C ASP A 199 -26.16 -9.52 -6.84
N CYS A 200 -26.01 -8.56 -5.93
CA CYS A 200 -25.46 -7.26 -6.27
C CYS A 200 -24.41 -6.89 -5.23
N VAL A 201 -23.23 -6.51 -5.70
CA VAL A 201 -22.18 -5.98 -4.83
C VAL A 201 -21.87 -4.56 -5.29
N VAL A 202 -21.15 -3.81 -4.46
CA VAL A 202 -20.88 -2.41 -4.79
C VAL A 202 -19.41 -2.09 -4.51
N LEU A 203 -18.77 -1.45 -5.46
CA LEU A 203 -17.42 -0.94 -5.30
C LEU A 203 -17.49 0.51 -4.87
N HIS A 204 -16.93 0.81 -3.71
CA HIS A 204 -16.94 2.14 -3.12
C HIS A 204 -15.54 2.77 -3.18
N SER A 205 -15.51 4.06 -3.48
CA SER A 205 -14.34 4.90 -3.26
C SER A 205 -14.80 6.11 -2.45
N TYR A 206 -13.92 7.10 -2.36
CA TYR A 206 -14.26 8.36 -1.70
C TYR A 206 -15.48 9.01 -2.34
N PHE A 207 -15.51 9.05 -3.66
CA PHE A 207 -16.50 9.84 -4.38
C PHE A 207 -17.40 9.04 -5.31
N THR A 208 -17.09 7.78 -5.58
CA THR A 208 -17.83 6.99 -6.55
C THR A 208 -18.34 5.71 -5.92
N SER A 209 -19.41 5.18 -6.51
CA SER A 209 -19.94 3.86 -6.21
C SER A 209 -20.40 3.21 -7.50
N ASP A 210 -19.90 2.01 -7.76
CA ASP A 210 -20.25 1.26 -8.96
C ASP A 210 -20.87 -0.07 -8.55
N TYR A 211 -21.97 -0.43 -9.18
CA TYR A 211 -22.71 -1.63 -8.80
C TYR A 211 -22.44 -2.76 -9.77
N TYR A 212 -22.35 -3.98 -9.24
CA TYR A 212 -22.05 -5.17 -10.02
C TYR A 212 -23.12 -6.21 -9.77
N GLN A 213 -23.58 -6.84 -10.83
CA GLN A 213 -24.62 -7.84 -10.80
C GLN A 213 -24.00 -9.21 -11.03
N LEU A 214 -24.41 -10.20 -10.23
CA LEU A 214 -23.90 -11.56 -10.37
C LEU A 214 -24.40 -12.17 -11.66
N TYR A 215 -23.48 -12.52 -12.55
CA TYR A 215 -23.81 -13.09 -13.85
C TYR A 215 -23.61 -14.59 -13.94
N SER A 216 -22.66 -15.15 -13.19
CA SER A 216 -22.29 -16.54 -13.37
C SER A 216 -21.68 -17.07 -12.08
N THR A 217 -21.91 -18.35 -11.83
CA THR A 217 -21.34 -19.06 -10.68
C THR A 217 -20.62 -20.29 -11.22
N GLN A 218 -19.30 -20.30 -11.08
CA GLN A 218 -18.48 -21.39 -11.62
C GLN A 218 -18.20 -22.39 -10.50
N LEU A 219 -18.65 -23.63 -10.69
CA LEU A 219 -18.43 -24.70 -9.74
C LEU A 219 -17.25 -25.56 -10.16
N SER A 220 -16.83 -26.45 -9.26
CA SER A 220 -15.68 -27.31 -9.52
C SER A 220 -15.90 -28.22 -10.72
N THR A 221 -17.14 -28.55 -11.05
CA THR A 221 -17.42 -29.30 -12.26
C THR A 221 -17.26 -28.45 -13.51
N ASP A 222 -17.33 -27.13 -13.37
CA ASP A 222 -17.15 -26.24 -14.51
C ASP A 222 -15.68 -25.94 -14.74
N THR A 223 -14.88 -25.88 -13.67
CA THR A 223 -13.52 -25.39 -13.74
C THR A 223 -12.46 -26.44 -13.48
N GLY A 224 -12.78 -27.49 -12.72
CA GLY A 224 -11.80 -28.48 -12.34
C GLY A 224 -11.06 -28.19 -11.06
N VAL A 225 -11.24 -27.00 -10.49
CA VAL A 225 -10.60 -26.64 -9.24
C VAL A 225 -11.51 -27.09 -8.10
N GLU A 226 -11.07 -28.11 -7.36
CA GLU A 226 -11.90 -28.69 -6.31
C GLU A 226 -11.99 -27.75 -5.12
N HIS A 227 -13.15 -27.76 -4.47
CA HIS A 227 -13.46 -27.02 -3.24
C HIS A 227 -13.43 -25.52 -3.42
N VAL A 228 -13.55 -25.03 -4.65
CA VAL A 228 -13.51 -23.60 -4.93
C VAL A 228 -14.68 -23.24 -5.84
N THR A 229 -15.36 -22.14 -5.50
CA THR A 229 -16.41 -21.57 -6.33
C THR A 229 -15.95 -20.20 -6.81
N PHE A 230 -16.34 -19.84 -8.03
CA PHE A 230 -16.04 -18.51 -8.57
C PHE A 230 -17.34 -17.80 -8.89
N PHE A 231 -17.55 -16.65 -8.27
CA PHE A 231 -18.71 -15.81 -8.53
C PHE A 231 -18.26 -14.65 -9.40
N ILE A 232 -18.88 -14.53 -10.57
CA ILE A 232 -18.47 -13.55 -11.58
C ILE A 232 -19.53 -12.48 -11.65
N TYR A 233 -19.10 -11.22 -11.50
CA TYR A 233 -19.99 -10.08 -11.45
C TYR A 233 -19.69 -9.18 -12.62
N ASN A 234 -20.73 -8.77 -13.33
CA ASN A 234 -20.62 -7.83 -14.42
C ASN A 234 -21.05 -6.45 -13.94
N LYS A 235 -20.30 -5.43 -14.35
CA LYS A 235 -20.62 -4.06 -13.94
C LYS A 235 -21.94 -3.61 -14.53
N ILE A 236 -22.80 -3.05 -13.69
CA ILE A 236 -24.09 -2.53 -14.11
C ILE A 236 -23.87 -1.17 -14.75
N VAL A 237 -24.41 -0.99 -15.96
CA VAL A 237 -24.27 0.26 -16.70
C VAL A 237 -25.65 0.88 -16.84
N ASP A 238 -25.72 2.18 -16.64
CA ASP A 238 -26.99 2.91 -16.72
C ASP A 238 -26.80 4.29 -17.31
N SER B 40 30.78 24.52 15.77
CA SER B 40 31.33 23.88 14.58
C SER B 40 30.22 23.52 13.61
N LEU B 41 29.21 22.79 14.09
CA LEU B 41 28.04 22.45 13.29
C LEU B 41 26.86 23.30 13.75
N PRO B 42 26.38 24.22 12.90
CA PRO B 42 25.29 25.10 13.32
C PRO B 42 23.99 24.34 13.54
N PHE B 43 23.22 24.80 14.52
CA PHE B 43 21.92 24.22 14.82
C PHE B 43 20.87 24.50 13.76
N GLY B 44 21.09 25.51 12.92
CA GLY B 44 20.12 25.91 11.92
C GLY B 44 19.95 24.96 10.76
N TRP B 45 20.92 24.09 10.49
CA TRP B 45 20.74 23.09 9.45
C TRP B 45 19.78 22.00 9.90
N LEU B 46 19.68 21.75 11.19
CA LEU B 46 18.69 20.81 11.70
C LEU B 46 17.27 21.31 11.43
N ILE B 47 17.03 22.61 11.61
CA ILE B 47 15.71 23.18 11.34
C ILE B 47 15.39 23.13 9.85
N VAL B 48 16.36 23.44 9.00
CA VAL B 48 16.16 23.37 7.55
C VAL B 48 15.86 21.95 7.12
N GLY B 49 16.60 20.98 7.66
CA GLY B 49 16.33 19.58 7.38
C GLY B 49 14.97 19.13 7.85
N VAL B 50 14.56 19.58 9.04
CA VAL B 50 13.24 19.23 9.56
C VAL B 50 12.14 19.81 8.68
N ALA B 51 12.31 21.05 8.23
CA ALA B 51 11.31 21.69 7.39
C ALA B 51 11.18 20.98 6.04
N LEU B 52 12.32 20.63 5.43
CA LEU B 52 12.27 19.89 4.17
C LEU B 52 11.68 18.49 4.35
N LEU B 53 12.05 17.81 5.44
CA LEU B 53 11.48 16.50 5.73
C LEU B 53 9.97 16.58 5.94
N ALA B 54 9.50 17.63 6.63
CA ALA B 54 8.07 17.82 6.82
C ALA B 54 7.36 18.05 5.50
N VAL B 55 7.96 18.87 4.63
CA VAL B 55 7.38 19.12 3.30
C VAL B 55 7.23 17.81 2.54
N PHE B 56 8.29 17.02 2.48
CA PHE B 56 8.27 15.82 1.65
C PHE B 56 7.40 14.72 2.25
N GLN B 57 7.41 14.57 3.58
CA GLN B 57 6.54 13.61 4.24
C GLN B 57 5.07 13.96 4.05
N SER B 58 4.73 15.24 4.23
CA SER B 58 3.36 15.67 4.05
C SER B 58 2.91 15.49 2.60
N ALA B 59 3.80 15.74 1.65
CA ALA B 59 3.47 15.50 0.25
C ALA B 59 3.29 14.01 -0.03
N SER B 60 4.11 13.17 0.59
CA SER B 60 4.00 11.73 0.36
C SER B 60 2.71 11.17 0.94
N LYS B 61 2.17 11.80 1.98
CA LYS B 61 0.91 11.31 2.54
C LYS B 61 -0.29 11.49 1.60
N ILE B 62 -0.21 12.33 0.58
CA ILE B 62 -1.40 12.71 -0.17
C ILE B 62 -1.24 12.50 -1.68
N ILE B 63 -0.37 11.60 -2.11
CA ILE B 63 -0.25 11.28 -3.54
C ILE B 63 -1.10 10.05 -3.83
N THR B 64 -2.11 10.22 -4.68
CA THR B 64 -2.95 9.09 -5.07
C THR B 64 -2.16 8.08 -5.88
N LEU B 65 -2.35 6.81 -5.56
CA LEU B 65 -1.65 5.73 -6.24
C LEU B 65 -2.52 5.06 -7.31
N LYS B 66 -2.91 5.80 -8.33
CA LYS B 66 -3.72 5.20 -9.39
C LYS B 66 -2.90 4.88 -10.64
N LYS B 67 -2.26 5.89 -11.23
CA LYS B 67 -1.50 5.71 -12.46
C LYS B 67 -0.04 5.42 -12.15
N ARG B 68 0.66 4.91 -13.17
CA ARG B 68 2.02 4.44 -12.99
C ARG B 68 2.99 5.56 -12.65
N TRP B 69 2.80 6.73 -13.28
CA TRP B 69 3.66 7.86 -12.99
C TRP B 69 3.44 8.37 -11.58
N GLN B 70 2.21 8.27 -11.06
CA GLN B 70 1.97 8.62 -9.66
C GLN B 70 2.67 7.64 -8.71
N LEU B 71 2.71 6.36 -9.07
CA LEU B 71 3.44 5.39 -8.26
C LEU B 71 4.93 5.69 -8.25
N ALA B 72 5.50 6.00 -9.41
CA ALA B 72 6.92 6.36 -9.48
C ALA B 72 7.20 7.63 -8.69
N LEU B 73 6.30 8.63 -8.80
CA LEU B 73 6.46 9.87 -8.04
C LEU B 73 6.42 9.61 -6.55
N SER B 74 5.47 8.77 -6.09
CA SER B 74 5.35 8.48 -4.68
C SER B 74 6.58 7.74 -4.15
N LYS B 75 7.11 6.79 -4.93
CA LYS B 75 8.32 6.09 -4.50
C LYS B 75 9.52 7.01 -4.47
N GLY B 76 9.65 7.91 -5.44
CA GLY B 76 10.74 8.87 -5.40
C GLY B 76 10.64 9.82 -4.21
N VAL B 77 9.43 10.27 -3.90
CA VAL B 77 9.23 11.16 -2.76
C VAL B 77 9.54 10.42 -1.46
N HIS B 78 9.17 9.14 -1.38
CA HIS B 78 9.49 8.34 -0.20
C HIS B 78 11.00 8.14 -0.05
N PHE B 79 11.70 7.96 -1.17
CA PHE B 79 13.16 7.85 -1.13
C PHE B 79 13.80 9.15 -0.62
N VAL B 80 13.32 10.29 -1.11
CA VAL B 80 13.81 11.57 -0.64
C VAL B 80 13.49 11.77 0.84
N CYS B 81 12.30 11.32 1.27
CA CYS B 81 11.93 11.39 2.68
C CYS B 81 12.88 10.59 3.55
N ASN B 82 13.22 9.38 3.12
CA ASN B 82 14.13 8.55 3.90
C ASN B 82 15.52 9.15 3.96
N LEU B 83 15.98 9.74 2.85
CA LEU B 83 17.28 10.41 2.85
C LEU B 83 17.29 11.60 3.81
N LEU B 84 16.21 12.39 3.81
CA LEU B 84 16.11 13.52 4.73
C LEU B 84 16.03 13.06 6.18
N LEU B 85 15.33 11.95 6.44
CA LEU B 85 15.25 11.41 7.78
C LEU B 85 16.61 10.94 8.28
N LEU B 86 17.38 10.28 7.41
CA LEU B 86 18.74 9.91 7.74
C LEU B 86 19.58 11.15 8.04
N PHE B 87 19.41 12.20 7.24
CA PHE B 87 20.17 13.43 7.47
C PHE B 87 19.85 14.04 8.83
N VAL B 88 18.56 14.18 9.17
CA VAL B 88 18.23 14.84 10.43
C VAL B 88 18.63 13.97 11.62
N THR B 89 18.53 12.65 11.49
CA THR B 89 18.96 11.76 12.57
C THR B 89 20.47 11.89 12.81
N VAL B 90 21.26 11.75 11.74
CA VAL B 90 22.71 11.79 11.88
C VAL B 90 23.16 13.17 12.34
N TYR B 91 22.54 14.23 11.80
CA TYR B 91 22.94 15.58 12.15
C TYR B 91 22.58 15.93 13.59
N SER B 92 21.42 15.50 14.06
CA SER B 92 21.08 15.74 15.46
C SER B 92 21.95 14.92 16.39
N HIS B 93 22.34 13.71 15.96
CA HIS B 93 23.30 12.93 16.74
C HIS B 93 24.65 13.62 16.80
N LEU B 94 25.08 14.25 15.70
CA LEU B 94 26.33 15.00 15.71
C LEU B 94 26.23 16.24 16.59
N LEU B 95 25.07 16.90 16.59
CA LEU B 95 24.85 18.02 17.49
C LEU B 95 24.94 17.59 18.95
N LEU B 96 24.35 16.44 19.28
CA LEU B 96 24.45 15.90 20.63
C LEU B 96 25.88 15.55 21.01
N VAL B 97 26.63 14.97 20.07
CA VAL B 97 28.01 14.58 20.36
C VAL B 97 28.89 15.82 20.55
N ALA B 98 28.72 16.83 19.69
CA ALA B 98 29.46 18.07 19.85
C ALA B 98 29.08 18.80 21.13
N ALA B 99 27.84 18.63 21.58
CA ALA B 99 27.43 19.21 22.85
C ALA B 99 27.98 18.40 24.02
N GLY B 100 28.06 17.08 23.87
CA GLY B 100 28.47 16.19 24.95
C GLY B 100 27.33 15.46 25.63
N LEU B 101 26.10 15.59 25.13
CA LEU B 101 24.92 15.00 25.76
C LEU B 101 24.39 13.80 25.00
N GLU B 102 25.26 13.09 24.28
CA GLU B 102 24.79 12.03 23.40
C GLU B 102 24.36 10.78 24.17
N ALA B 103 24.97 10.51 25.34
CA ALA B 103 24.83 9.22 26.00
C ALA B 103 23.39 8.82 26.32
N PRO B 104 22.56 9.64 26.98
CA PRO B 104 21.17 9.20 27.22
C PRO B 104 20.32 9.08 25.97
N PHE B 105 20.90 9.28 24.79
CA PHE B 105 20.20 9.07 23.54
C PHE B 105 20.81 7.99 22.67
N LEU B 106 21.96 7.42 23.07
CA LEU B 106 22.63 6.44 22.22
C LEU B 106 21.75 5.24 21.89
N TYR B 107 21.07 4.68 22.90
CA TYR B 107 20.17 3.55 22.67
C TYR B 107 19.08 3.90 21.66
N LEU B 108 18.65 5.17 21.64
CA LEU B 108 17.69 5.58 20.64
C LEU B 108 18.34 5.60 19.26
N TYR B 109 19.52 6.24 19.14
CA TYR B 109 20.11 6.44 17.83
C TYR B 109 20.57 5.13 17.23
N ALA B 110 21.22 4.29 18.03
CA ALA B 110 21.52 2.92 17.62
C ALA B 110 20.29 2.22 17.10
N LEU B 111 19.16 2.36 17.82
CA LEU B 111 17.91 1.76 17.38
C LEU B 111 17.55 2.24 15.98
N VAL B 112 17.61 3.57 15.76
CA VAL B 112 17.30 4.11 14.44
C VAL B 112 18.21 3.48 13.40
N TYR B 113 19.51 3.46 13.69
CA TYR B 113 20.46 2.94 12.73
C TYR B 113 20.17 1.48 12.44
N PHE B 114 19.86 0.72 13.49
CA PHE B 114 19.54 -0.69 13.31
C PHE B 114 18.33 -0.83 12.40
N LEU B 115 17.27 -0.07 12.68
CA LEU B 115 16.08 -0.15 11.85
C LEU B 115 16.39 0.28 10.42
N GLN B 116 17.20 1.34 10.27
CA GLN B 116 17.52 1.78 8.93
C GLN B 116 18.33 0.73 8.19
N SER B 117 19.20 0.02 8.90
CA SER B 117 19.93 -1.07 8.28
C SER B 117 18.96 -2.11 7.71
N ILE B 118 17.94 -2.46 8.49
CA ILE B 118 16.95 -3.43 8.02
C ILE B 118 16.27 -2.90 6.77
N ASN B 119 15.93 -1.61 6.78
CA ASN B 119 15.26 -1.01 5.63
C ASN B 119 16.16 -1.08 4.40
N PHE B 120 17.47 -0.85 4.60
CA PHE B 120 18.41 -0.97 3.49
C PHE B 120 18.37 -2.38 2.92
N VAL B 121 18.40 -3.39 3.79
CA VAL B 121 18.33 -4.77 3.33
C VAL B 121 17.04 -5.01 2.59
N ARG B 122 15.94 -4.45 3.11
CA ARG B 122 14.64 -4.63 2.46
C ARG B 122 14.66 -4.06 1.06
N ILE B 123 15.27 -2.88 0.90
CA ILE B 123 15.34 -2.25 -0.42
C ILE B 123 16.12 -3.15 -1.37
N ILE B 124 17.22 -3.73 -0.88
CA ILE B 124 18.00 -4.65 -1.69
C ILE B 124 17.14 -5.81 -2.14
N MET B 125 16.37 -6.39 -1.21
CA MET B 125 15.50 -7.51 -1.57
C MET B 125 14.49 -7.07 -2.60
N ARG B 126 13.95 -5.85 -2.44
CA ARG B 126 13.00 -5.35 -3.42
C ARG B 126 13.64 -5.27 -4.80
N LEU B 127 14.88 -4.78 -4.87
CA LEU B 127 15.57 -4.71 -6.14
C LEU B 127 15.78 -6.11 -6.70
N TRP B 128 16.11 -7.06 -5.83
CA TRP B 128 16.33 -8.41 -6.29
C TRP B 128 15.02 -9.02 -6.78
N LEU B 129 13.90 -8.65 -6.14
CA LEU B 129 12.60 -9.09 -6.63
C LEU B 129 12.36 -8.53 -8.03
N CYS B 130 12.77 -7.28 -8.26
CA CYS B 130 12.69 -6.69 -9.59
C CYS B 130 13.53 -7.48 -10.57
N TRP B 131 14.67 -7.99 -10.13
CA TRP B 131 15.47 -8.82 -11.01
C TRP B 131 14.79 -10.16 -11.26
N LYS B 132 14.12 -10.71 -10.24
CA LYS B 132 13.53 -12.02 -10.39
C LYS B 132 12.27 -11.96 -11.24
N CYS B 133 11.49 -10.90 -11.08
CA CYS B 133 10.26 -10.71 -11.84
C CYS B 133 10.52 -10.14 -13.22
N ARG B 134 11.75 -9.74 -13.53
CA ARG B 134 12.13 -9.08 -14.79
C ARG B 134 11.25 -7.86 -15.05
N SER B 135 10.99 -7.09 -14.00
CA SER B 135 10.03 -5.99 -14.06
C SER B 135 10.39 -4.97 -13.00
N LYS B 136 9.92 -3.75 -13.20
CA LYS B 136 10.07 -2.68 -12.23
C LYS B 136 8.89 -2.59 -11.27
N ASN B 137 7.87 -3.43 -11.47
CA ASN B 137 6.68 -3.38 -10.63
C ASN B 137 6.92 -3.62 -9.13
N PRO B 138 7.83 -4.50 -8.69
CA PRO B 138 8.09 -4.58 -7.24
C PRO B 138 8.59 -3.29 -6.63
N LEU B 139 9.26 -2.43 -7.39
CA LEU B 139 9.60 -1.11 -6.87
C LEU B 139 8.37 -0.21 -6.79
N LEU B 140 7.48 -0.30 -7.77
CA LEU B 140 6.34 0.60 -7.84
C LEU B 140 5.24 0.22 -6.85
N TYR B 141 5.08 -1.07 -6.58
CA TYR B 141 3.98 -1.56 -5.76
C TYR B 141 4.50 -2.13 -4.45
N ASP B 142 3.68 -2.00 -3.40
CA ASP B 142 4.01 -2.49 -2.07
C ASP B 142 3.45 -3.88 -1.79
N ALA B 143 3.02 -4.61 -2.81
CA ALA B 143 2.35 -5.88 -2.63
C ALA B 143 3.28 -6.93 -2.04
N ASN B 144 2.70 -7.88 -1.32
CA ASN B 144 3.49 -8.95 -0.73
C ASN B 144 3.95 -9.95 -1.79
N TYR B 145 3.19 -10.10 -2.87
CA TYR B 145 3.49 -11.10 -3.89
C TYR B 145 3.30 -10.49 -5.26
N PHE B 146 3.89 -11.14 -6.25
CA PHE B 146 3.74 -10.72 -7.65
C PHE B 146 3.53 -11.94 -8.50
N LEU B 147 2.41 -11.96 -9.23
CA LEU B 147 2.14 -13.03 -10.18
C LEU B 147 2.80 -12.70 -11.51
N CYS B 148 3.64 -13.59 -11.98
CA CYS B 148 4.52 -13.33 -13.10
C CYS B 148 4.44 -14.46 -14.10
N TRP B 149 4.60 -14.09 -15.36
CA TRP B 149 4.88 -15.10 -16.38
C TRP B 149 5.65 -14.45 -17.53
N HIS B 150 6.36 -15.27 -18.27
CA HIS B 150 7.28 -14.81 -19.29
C HIS B 150 6.74 -15.13 -20.68
N THR B 151 6.74 -14.12 -21.54
CA THR B 151 6.56 -14.31 -22.97
C THR B 151 7.76 -13.72 -23.68
N ASN B 152 7.86 -14.00 -24.97
CA ASN B 152 9.02 -13.53 -25.74
C ASN B 152 9.12 -12.02 -25.80
N CYS B 153 7.98 -11.31 -25.82
CA CYS B 153 7.99 -9.87 -25.96
C CYS B 153 7.72 -9.14 -24.66
N TYR B 154 7.28 -9.82 -23.61
CA TYR B 154 6.94 -9.12 -22.38
C TYR B 154 7.06 -10.07 -21.20
N ASP B 155 7.38 -9.50 -20.04
CA ASP B 155 7.39 -10.22 -18.77
C ASP B 155 6.32 -9.60 -17.88
N TYR B 156 5.29 -10.37 -17.57
CA TYR B 156 4.16 -9.88 -16.80
C TYR B 156 4.41 -10.05 -15.31
N CYS B 157 4.07 -9.02 -14.55
CA CYS B 157 4.30 -8.98 -13.10
C CYS B 157 3.18 -8.14 -12.49
N ILE B 158 2.20 -8.81 -11.86
CA ILE B 158 0.99 -8.19 -11.37
C ILE B 158 0.98 -8.30 -9.86
N PRO B 159 0.72 -7.22 -9.12
CA PRO B 159 0.66 -7.30 -7.65
C PRO B 159 -0.43 -8.25 -7.17
N TYR B 160 -0.14 -8.94 -6.07
CA TYR B 160 -1.05 -9.91 -5.48
C TYR B 160 -0.77 -10.00 -3.99
N ASN B 161 -1.81 -10.29 -3.21
CA ASN B 161 -1.72 -10.10 -1.77
C ASN B 161 -1.24 -11.33 -0.99
N SER B 162 -1.66 -12.53 -1.37
CA SER B 162 -1.31 -13.70 -0.57
C SER B 162 -1.25 -14.94 -1.46
N VAL B 163 -0.70 -16.03 -0.91
CA VAL B 163 -0.64 -17.30 -1.62
C VAL B 163 -2.01 -17.95 -1.49
N THR B 164 -2.77 -17.97 -2.57
CA THR B 164 -4.07 -18.61 -2.61
C THR B 164 -3.96 -19.94 -3.34
N SER B 165 -4.99 -20.78 -3.19
CA SER B 165 -4.98 -22.07 -3.86
C SER B 165 -5.33 -21.93 -5.33
N SER B 166 -5.94 -20.82 -5.71
CA SER B 166 -6.28 -20.54 -7.09
C SER B 166 -6.04 -19.07 -7.38
N ILE B 167 -5.86 -18.77 -8.66
CA ILE B 167 -5.69 -17.39 -9.13
C ILE B 167 -6.51 -17.22 -10.39
N VAL B 168 -7.26 -16.12 -10.48
CA VAL B 168 -8.03 -15.81 -11.67
C VAL B 168 -7.40 -14.62 -12.35
N ILE B 169 -7.03 -14.77 -13.61
CA ILE B 169 -6.58 -13.67 -14.44
C ILE B 169 -7.72 -13.31 -15.38
N THR B 170 -8.15 -12.06 -15.35
CA THR B 170 -9.19 -11.56 -16.22
C THR B 170 -8.55 -10.90 -17.44
N SER B 171 -9.03 -11.24 -18.63
CA SER B 171 -8.50 -10.66 -19.85
C SER B 171 -9.64 -9.94 -20.56
N GLY B 172 -9.46 -8.64 -20.79
CA GLY B 172 -10.40 -7.85 -21.56
C GLY B 172 -9.78 -7.44 -22.88
N ASP B 173 -10.56 -7.52 -23.95
CA ASP B 173 -10.07 -7.18 -25.27
C ASP B 173 -10.23 -5.68 -25.52
N GLY B 174 -10.05 -5.25 -26.77
CA GLY B 174 -10.22 -3.86 -27.12
C GLY B 174 -11.67 -3.44 -27.20
N GLU B 181 -9.16 -0.87 -23.33
CA GLU B 181 -7.84 -1.38 -23.65
C GLU B 181 -7.69 -2.85 -23.32
N HIS B 182 -7.08 -3.60 -24.23
CA HIS B 182 -6.79 -5.02 -24.02
C HIS B 182 -5.81 -5.17 -22.87
N ASP B 183 -6.20 -5.90 -21.84
CA ASP B 183 -5.39 -5.97 -20.63
C ASP B 183 -5.67 -7.25 -19.86
N TYR B 184 -4.70 -7.62 -19.02
CA TYR B 184 -4.84 -8.61 -17.98
C TYR B 184 -5.07 -7.90 -16.65
N GLN B 185 -5.85 -8.51 -15.78
CA GLN B 185 -6.28 -7.86 -14.55
C GLN B 185 -6.43 -8.90 -13.45
N ILE B 186 -5.84 -8.63 -12.30
CA ILE B 186 -6.10 -9.38 -11.07
C ILE B 186 -6.26 -8.38 -9.93
N GLY B 187 -7.36 -8.50 -9.20
CA GLY B 187 -7.61 -7.62 -8.06
C GLY B 187 -7.73 -6.16 -8.42
N GLY B 188 -8.11 -5.84 -9.65
CA GLY B 188 -8.13 -4.49 -10.12
C GLY B 188 -6.79 -3.97 -10.62
N TYR B 189 -5.73 -4.75 -10.49
CA TYR B 189 -4.43 -4.38 -11.03
C TYR B 189 -4.34 -4.85 -12.47
N THR B 190 -3.82 -3.98 -13.33
CA THR B 190 -3.91 -4.13 -14.78
C THR B 190 -2.52 -4.10 -15.40
N GLU B 191 -2.30 -5.04 -16.31
CA GLU B 191 -1.12 -5.08 -17.16
C GLU B 191 -1.59 -5.06 -18.61
N LYS B 192 -1.00 -4.22 -19.43
CA LYS B 192 -1.42 -4.12 -20.82
C LYS B 192 -1.09 -5.41 -21.57
N TRP B 193 -2.02 -5.83 -22.42
CA TRP B 193 -1.83 -7.05 -23.21
C TRP B 193 -0.72 -6.86 -24.23
N GLU B 194 0.22 -7.81 -24.25
CA GLU B 194 1.23 -7.90 -25.31
C GLU B 194 1.27 -9.26 -25.96
N SER B 195 0.69 -10.29 -25.36
CA SER B 195 0.83 -11.67 -25.80
C SER B 195 -0.14 -12.52 -25.00
N GLY B 196 -0.17 -13.80 -25.31
CA GLY B 196 -1.12 -14.71 -24.70
C GLY B 196 -0.73 -15.13 -23.29
N VAL B 197 -1.63 -15.89 -22.68
CA VAL B 197 -1.38 -16.47 -21.37
C VAL B 197 -0.47 -17.68 -21.51
N LYS B 198 0.17 -18.05 -20.42
CA LYS B 198 0.95 -19.27 -20.32
C LYS B 198 0.19 -20.30 -19.50
N ASP B 199 0.52 -21.57 -19.73
CA ASP B 199 -0.08 -22.65 -18.97
C ASP B 199 0.42 -22.70 -17.53
N CYS B 200 1.53 -22.04 -17.22
CA CYS B 200 2.06 -22.00 -15.87
C CYS B 200 2.45 -20.57 -15.54
N VAL B 201 1.98 -20.07 -14.41
CA VAL B 201 2.39 -18.77 -13.90
C VAL B 201 3.02 -18.99 -12.53
N VAL B 202 3.73 -17.98 -12.03
CA VAL B 202 4.45 -18.15 -10.77
C VAL B 202 4.21 -16.92 -9.88
N LEU B 203 3.88 -17.17 -8.62
CA LEU B 203 3.76 -16.13 -7.62
C LEU B 203 5.09 -16.03 -6.87
N HIS B 204 5.70 -14.85 -6.92
CA HIS B 204 6.99 -14.59 -6.30
C HIS B 204 6.83 -13.69 -5.08
N SER B 205 7.57 -14.00 -4.02
CA SER B 205 7.81 -13.06 -2.93
C SER B 205 9.32 -12.95 -2.73
N TYR B 206 9.73 -12.34 -1.62
CA TYR B 206 11.15 -12.26 -1.27
C TYR B 206 11.77 -13.65 -1.18
N PHE B 207 11.08 -14.58 -0.52
CA PHE B 207 11.66 -15.86 -0.16
C PHE B 207 10.96 -17.07 -0.76
N THR B 208 9.76 -16.92 -1.32
CA THR B 208 8.98 -18.05 -1.79
C THR B 208 8.64 -17.89 -3.27
N SER B 209 8.36 -19.01 -3.90
CA SER B 209 7.82 -19.06 -5.27
C SER B 209 6.83 -20.20 -5.34
N ASP B 210 5.61 -19.90 -5.76
CA ASP B 210 4.56 -20.89 -5.90
C ASP B 210 4.08 -20.93 -7.34
N TYR B 211 3.93 -22.13 -7.89
CA TYR B 211 3.58 -22.29 -9.29
C TYR B 211 2.11 -22.65 -9.44
N TYR B 212 1.49 -22.11 -10.48
CA TYR B 212 0.08 -22.30 -10.76
C TYR B 212 -0.07 -22.80 -12.18
N GLN B 213 -0.92 -23.81 -12.35
CA GLN B 213 -1.19 -24.44 -13.63
C GLN B 213 -2.57 -24.01 -14.11
N LEU B 214 -2.67 -23.67 -15.40
CA LEU B 214 -3.95 -23.27 -15.98
C LEU B 214 -4.89 -24.46 -16.04
N TYR B 215 -6.02 -24.36 -15.35
CA TYR B 215 -7.00 -25.44 -15.29
C TYR B 215 -8.22 -25.21 -16.17
N SER B 216 -8.61 -23.96 -16.39
CA SER B 216 -9.87 -23.68 -17.06
C SER B 216 -9.81 -22.30 -17.71
N THR B 217 -10.50 -22.18 -18.83
CA THR B 217 -10.62 -20.92 -19.56
C THR B 217 -12.11 -20.65 -19.75
N GLN B 218 -12.60 -19.59 -19.10
CA GLN B 218 -14.03 -19.26 -19.14
C GLN B 218 -14.27 -18.20 -20.21
N LEU B 219 -15.06 -18.54 -21.21
CA LEU B 219 -15.41 -17.63 -22.29
C LEU B 219 -16.76 -16.98 -22.02
N SER B 220 -17.09 -15.99 -22.84
CA SER B 220 -18.34 -15.24 -22.67
C SER B 220 -19.56 -16.13 -22.82
N THR B 221 -19.45 -17.22 -23.59
CA THR B 221 -20.54 -18.18 -23.66
C THR B 221 -20.67 -18.99 -22.38
N ASP B 222 -19.61 -19.08 -21.59
CA ASP B 222 -19.67 -19.81 -20.33
C ASP B 222 -20.21 -18.93 -19.21
N THR B 223 -19.90 -17.63 -19.25
CA THR B 223 -20.16 -16.74 -18.13
C THR B 223 -21.23 -15.71 -18.40
N GLY B 224 -21.45 -15.31 -19.66
CA GLY B 224 -22.36 -14.26 -19.98
C GLY B 224 -21.77 -12.87 -20.00
N VAL B 225 -20.52 -12.72 -19.56
CA VAL B 225 -19.84 -11.43 -19.56
C VAL B 225 -19.17 -11.27 -20.92
N GLU B 226 -19.70 -10.35 -21.72
CA GLU B 226 -19.19 -10.17 -23.08
C GLU B 226 -17.82 -9.51 -23.07
N HIS B 227 -16.98 -9.91 -24.03
CA HIS B 227 -15.66 -9.36 -24.29
C HIS B 227 -14.67 -9.60 -23.16
N VAL B 228 -14.93 -10.58 -22.30
CA VAL B 228 -14.08 -10.88 -21.16
C VAL B 228 -13.81 -12.38 -21.12
N THR B 229 -12.55 -12.75 -20.91
CA THR B 229 -12.14 -14.12 -20.68
C THR B 229 -11.60 -14.26 -19.27
N PHE B 230 -11.85 -15.40 -18.64
CA PHE B 230 -11.31 -15.67 -17.31
C PHE B 230 -10.42 -16.92 -17.37
N PHE B 231 -9.16 -16.75 -17.00
CA PHE B 231 -8.20 -17.85 -16.93
C PHE B 231 -8.04 -18.24 -15.48
N ILE B 232 -8.33 -19.49 -15.16
CA ILE B 232 -8.35 -19.97 -13.79
C ILE B 232 -7.16 -20.90 -13.60
N TYR B 233 -6.35 -20.60 -12.59
CA TYR B 233 -5.12 -21.33 -12.31
C TYR B 233 -5.23 -21.99 -10.96
N ASN B 234 -4.90 -23.27 -10.91
CA ASN B 234 -4.86 -24.04 -9.67
C ASN B 234 -3.42 -24.15 -9.20
N LYS B 235 -3.21 -23.97 -7.90
CA LYS B 235 -1.86 -24.05 -7.34
C LYS B 235 -1.31 -25.46 -7.47
N ILE B 236 -0.09 -25.55 -7.96
CA ILE B 236 0.60 -26.83 -8.08
C ILE B 236 1.15 -27.21 -6.72
N VAL B 237 0.80 -28.41 -6.26
CA VAL B 237 1.21 -28.90 -4.95
C VAL B 237 2.36 -29.88 -5.13
N ASP B 238 3.41 -29.70 -4.36
CA ASP B 238 4.60 -30.54 -4.46
C ASP B 238 4.95 -31.16 -3.10
N PHE C 24 24.33 -14.80 -2.40
CA PHE C 24 23.12 -14.06 -2.09
C PHE C 24 22.01 -15.04 -1.71
N SER C 25 22.04 -16.23 -2.31
CA SER C 25 20.98 -17.22 -2.05
C SER C 25 21.00 -17.68 -0.61
N LYS C 26 22.19 -17.90 -0.05
CA LYS C 26 22.32 -18.33 1.33
C LYS C 26 21.77 -17.28 2.29
N LEU C 27 22.06 -16.01 2.02
CA LEU C 27 21.54 -14.93 2.85
C LEU C 27 20.02 -14.85 2.79
N ARG C 28 19.45 -15.06 1.60
CA ARG C 28 17.99 -15.06 1.47
C ARG C 28 17.36 -16.22 2.23
N GLU C 29 17.98 -17.40 2.16
CA GLU C 29 17.50 -18.56 2.89
C GLU C 29 17.62 -18.35 4.40
N GLN C 30 18.64 -17.62 4.85
CA GLN C 30 18.73 -17.25 6.25
C GLN C 30 17.68 -16.21 6.64
N LEU C 31 17.39 -15.28 5.74
CA LEU C 31 16.54 -14.15 6.08
C LEU C 31 15.07 -14.54 6.18
N GLY C 32 14.63 -15.49 5.35
CA GLY C 32 13.23 -15.85 5.31
C GLY C 32 12.60 -16.30 6.62
N PRO C 33 13.04 -17.47 7.11
CA PRO C 33 12.48 -17.98 8.38
C PRO C 33 12.75 -17.09 9.58
N VAL C 34 13.84 -16.31 9.56
CA VAL C 34 14.11 -15.40 10.66
C VAL C 34 13.02 -14.34 10.76
N THR C 35 12.67 -13.73 9.62
CA THR C 35 11.59 -12.75 9.59
C THR C 35 10.26 -13.38 9.98
N GLN C 36 9.97 -14.58 9.45
CA GLN C 36 8.71 -15.24 9.76
C GLN C 36 8.60 -15.56 11.24
N GLU C 37 9.67 -16.07 11.84
CA GLU C 37 9.64 -16.45 13.25
C GLU C 37 9.59 -15.22 14.14
N PHE C 38 10.20 -14.12 13.70
CA PHE C 38 10.09 -12.88 14.47
C PHE C 38 8.65 -12.40 14.52
N TRP C 39 7.96 -12.41 13.39
CA TRP C 39 6.59 -11.92 13.39
C TRP C 39 5.65 -12.88 14.14
N ASP C 40 5.91 -14.19 14.03
CA ASP C 40 5.14 -15.16 14.81
C ASP C 40 5.34 -14.97 16.29
N ASN C 41 6.59 -14.77 16.73
CA ASN C 41 6.87 -14.56 18.15
C ASN C 41 6.25 -13.27 18.65
N LEU C 42 6.31 -12.21 17.84
CA LEU C 42 5.67 -10.95 18.24
C LEU C 42 4.18 -11.12 18.40
N GLU C 43 3.55 -11.90 17.51
CA GLU C 43 2.13 -12.21 17.65
C GLU C 43 1.86 -12.97 18.94
N LYS C 44 2.71 -13.95 19.28
CA LYS C 44 2.51 -14.70 20.52
C LYS C 44 2.62 -13.80 21.75
N GLU C 45 3.62 -12.92 21.79
CA GLU C 45 3.79 -12.09 22.99
C GLU C 45 2.78 -10.95 23.04
N THR C 46 2.18 -10.58 21.91
CA THR C 46 1.20 -9.50 21.93
C THR C 46 -0.25 -9.96 21.83
N GLU C 47 -0.50 -11.29 21.85
CA GLU C 47 -1.87 -11.78 21.75
C GLU C 47 -2.76 -11.25 22.86
N GLY C 48 -2.30 -11.33 24.11
CA GLY C 48 -3.11 -10.88 25.23
C GLY C 48 -3.38 -9.39 25.19
N LEU C 49 -2.36 -8.59 24.87
CA LEU C 49 -2.54 -7.15 24.78
C LEU C 49 -3.48 -6.77 23.65
N ARG C 50 -3.38 -7.47 22.52
CA ARG C 50 -4.28 -7.18 21.39
C ARG C 50 -5.71 -7.59 21.72
N GLN C 51 -5.87 -8.64 22.52
CA GLN C 51 -7.20 -8.93 23.06
C GLN C 51 -7.67 -7.82 23.98
N GLU C 52 -6.75 -7.22 24.73
CA GLU C 52 -7.11 -6.14 25.64
C GLU C 52 -7.60 -4.91 24.88
N MET C 53 -6.99 -4.60 23.74
CA MET C 53 -7.55 -3.50 22.94
C MET C 53 -8.93 -3.83 22.40
N SER C 54 -9.17 -5.07 21.99
CA SER C 54 -10.46 -5.44 21.42
C SER C 54 -11.53 -5.56 22.49
N PHE D 24 -22.10 17.55 4.63
CA PHE D 24 -20.96 16.75 4.22
C PHE D 24 -21.17 16.29 2.79
N SER D 25 -22.44 16.13 2.39
CA SER D 25 -22.75 15.61 1.06
C SER D 25 -22.30 16.57 -0.03
N LYS D 26 -22.47 17.87 0.19
CA LYS D 26 -22.09 18.87 -0.80
C LYS D 26 -20.57 18.91 -0.98
N LEU D 27 -19.84 18.93 0.14
CA LEU D 27 -18.38 19.03 0.07
C LEU D 27 -17.76 17.77 -0.52
N ARG D 28 -18.37 16.60 -0.31
CA ARG D 28 -17.88 15.38 -0.93
C ARG D 28 -18.00 15.45 -2.45
N GLU D 29 -19.13 15.96 -2.96
CA GLU D 29 -19.27 16.12 -4.40
C GLU D 29 -18.37 17.23 -4.93
N GLN D 30 -18.04 18.21 -4.09
CA GLN D 30 -17.10 19.26 -4.50
C GLN D 30 -15.68 18.71 -4.62
N LEU D 31 -15.29 17.81 -3.73
CA LEU D 31 -13.90 17.40 -3.62
C LEU D 31 -13.47 16.50 -4.78
N GLY D 32 -14.38 15.69 -5.31
CA GLY D 32 -14.05 14.69 -6.31
C GLY D 32 -13.45 15.23 -7.60
N PRO D 33 -14.23 16.03 -8.35
CA PRO D 33 -13.69 16.59 -9.60
C PRO D 33 -12.48 17.48 -9.38
N VAL D 34 -12.38 18.16 -8.24
CA VAL D 34 -11.22 19.00 -7.96
C VAL D 34 -9.95 18.16 -7.89
N THR D 35 -9.99 17.06 -7.13
CA THR D 35 -8.85 16.17 -7.03
C THR D 35 -8.52 15.54 -8.39
N GLN D 36 -9.55 15.08 -9.11
CA GLN D 36 -9.33 14.43 -10.39
C GLN D 36 -8.70 15.41 -11.40
N GLU D 37 -9.20 16.64 -11.45
CA GLU D 37 -8.67 17.61 -12.39
C GLU D 37 -7.28 18.07 -12.00
N PHE D 38 -6.98 18.12 -10.69
CA PHE D 38 -5.62 18.45 -10.28
C PHE D 38 -4.64 17.38 -10.77
N TRP D 39 -5.00 16.11 -10.60
CA TRP D 39 -4.07 15.07 -11.03
C TRP D 39 -3.98 14.98 -12.54
N ASP D 40 -5.09 15.25 -13.24
CA ASP D 40 -5.04 15.31 -14.71
C ASP D 40 -4.16 16.44 -15.20
N ASN D 41 -4.27 17.62 -14.57
CA ASN D 41 -3.42 18.75 -14.95
C ASN D 41 -1.96 18.47 -14.65
N LEU D 42 -1.67 17.88 -13.49
CA LEU D 42 -0.29 17.54 -13.15
C LEU D 42 0.28 16.51 -14.11
N GLU D 43 -0.58 15.62 -14.63
CA GLU D 43 -0.15 14.73 -15.70
C GLU D 43 0.15 15.51 -16.98
N LYS D 44 -0.67 16.51 -17.30
CA LYS D 44 -0.49 17.27 -18.53
C LYS D 44 0.82 18.06 -18.52
N GLU D 45 1.07 18.81 -17.45
CA GLU D 45 2.22 19.72 -17.46
C GLU D 45 3.55 18.98 -17.29
N THR D 46 3.50 17.73 -16.83
CA THR D 46 4.72 16.96 -16.61
C THR D 46 4.93 15.84 -17.62
N GLU D 47 4.20 15.85 -18.74
CA GLU D 47 4.32 14.74 -19.70
C GLU D 47 5.69 14.72 -20.34
N GLY D 48 6.20 15.88 -20.78
CA GLY D 48 7.50 15.93 -21.42
C GLY D 48 8.63 15.58 -20.49
N LEU D 49 8.56 16.05 -19.24
CA LEU D 49 9.59 15.73 -18.26
C LEU D 49 9.59 14.24 -17.95
N ARG D 50 8.41 13.64 -17.77
CA ARG D 50 8.33 12.21 -17.50
C ARG D 50 8.80 11.39 -18.69
N GLN D 51 8.61 11.92 -19.90
CA GLN D 51 9.24 11.32 -21.07
C GLN D 51 10.77 11.44 -20.97
N GLU D 52 11.26 12.56 -20.43
CA GLU D 52 12.70 12.77 -20.33
C GLU D 52 13.35 11.79 -19.37
N MET D 53 12.68 11.43 -18.26
CA MET D 53 13.22 10.33 -17.47
C MET D 53 13.22 9.01 -18.24
N SER D 54 12.15 8.72 -18.98
CA SER D 54 12.05 7.44 -19.68
C SER D 54 12.94 7.43 -20.92
C13 PEE E . 13.11 -8.22 11.04
C12 PEE E . 11.85 -8.07 10.22
C11 PEE E . 12.02 -6.99 9.15
C10 PEE E . 10.85 -7.05 8.22
O4 PEE E . 9.91 -7.80 8.37
O2 PEE E . 10.88 -6.23 7.13
C2 PEE E . 10.22 -6.70 5.98
C1 PEE E . 9.20 -5.69 5.47
O3P PEE E . 8.54 -6.24 4.39
P PEE E . 7.77 -5.25 3.33
O2P PEE E . 8.57 -5.09 2.10
O1P PEE E . 6.32 -5.47 3.47
O4P PEE E . 7.92 -3.71 4.19
C4 PEE E . 6.75 -3.16 4.64
C5 PEE E . 6.54 -1.85 3.86
N PEE E . 5.24 -2.00 3.08
C3 PEE E . 11.28 -6.99 4.88
O3 PEE E . 12.58 -6.82 5.44
C30 PEE E . 13.51 -7.69 4.99
O5 PEE E . 13.25 -8.49 4.10
C31 PEE E . 14.87 -7.59 5.65
C32 PEE E . 14.95 -8.63 6.77
C33 PEE E . 16.23 -8.46 7.58
C13 PEE F . -5.43 17.84 -3.74
C12 PEE F . -5.25 16.35 -3.97
C11 PEE F . -4.98 15.64 -2.65
C10 PEE F . -5.15 14.16 -2.87
O4 PEE F . -5.28 13.66 -3.96
O2 PEE F . -5.18 13.39 -1.76
C2 PEE F . -5.88 12.15 -1.88
C1 PEE F . -5.01 10.97 -1.48
O3P PEE F . -5.70 9.81 -1.73
P PEE F . -5.23 8.42 -0.98
O2P PEE F . -6.15 8.12 0.15
O1P PEE F . -4.68 7.50 -1.99
O4P PEE F . -3.73 8.96 -0.21
C4 PEE F . -2.58 8.39 -0.69
C5 PEE F . -2.02 7.51 0.43
N PEE F . -2.00 6.08 -0.08
C3 PEE F . -7.14 12.22 -1.00
O3 PEE F . -7.23 13.50 -0.39
C30 PEE F . -8.43 14.13 -0.51
O5 PEE F . -9.44 13.61 -0.06
C31 PEE F . -8.40 15.46 -1.21
C32 PEE F . -9.14 16.49 -0.37
C33 PEE F . -8.76 17.90 -0.75
#